data_9OPH
#
_entry.id   9OPH
#
_cell.length_a   166.975
_cell.length_b   54.909
_cell.length_c   120.027
_cell.angle_alpha   90.00
_cell.angle_beta   129.73
_cell.angle_gamma   90.00
#
_symmetry.space_group_name_H-M   'C 1 2 1'
#
loop_
_entity.id
_entity.type
_entity.pdbx_description
1 polymer "Bis(5'-nucleosyl)-tetraphosphatase [symmetrical]"
2 polymer 'RNA Up4AG'
3 non-polymer 'MANGANESE (II) ION'
4 non-polymer 'MAGNESIUM ION'
5 non-polymer 'SULFATE ION'
6 non-polymer '4-(2-HYDROXYETHYL)-1-PIPERAZINE ETHANESULFONIC ACID'
7 water water
#
loop_
_entity_poly.entity_id
_entity_poly.type
_entity_poly.pdbx_seq_one_letter_code
_entity_poly.pdbx_strand_id
1 'polypeptide(L)'
;MATYLIGDVHGCYDELIALLHKVEFTPGKDTLWLTGDLVARGPGSLDVLRYVKSLGDSVRLVLGNHDLHLLAVFAGISRN
KPKDRLTPLLEAPDADELLNWLRRQPLLQIDEEKKLVMAHAGITPQWDLQTAKECARDVEAVLSSDSYPFFLDAMYGDMP
NNWSPELRGLGRLRFITNAFTRMRFCFPNGQLDMYSKESPEEAPAPLKPWFAIPGPVAEEYSIAFGHWASLEGKGTPEGI
YALDTGCCWGGTLTCLRWEDKQYFVQPSNRHKDLGEAAASHHHHHH
;
A,B
2 'polyribonucleotide' (A1L89)G C,D
#
# COMPACT_ATOMS: atom_id res chain seq x y z
N ALA A 2 9.54 -33.42 15.00
CA ALA A 2 9.24 -32.94 13.67
C ALA A 2 9.65 -31.48 13.58
N THR A 3 9.86 -31.02 12.34
CA THR A 3 10.23 -29.64 12.07
C THR A 3 9.10 -29.00 11.28
N TYR A 4 8.57 -27.86 11.77
CA TYR A 4 7.49 -27.12 11.12
C TYR A 4 7.97 -25.71 10.79
N LEU A 5 7.59 -25.21 9.61
CA LEU A 5 7.93 -23.86 9.15
C LEU A 5 6.62 -23.15 8.86
N ILE A 6 6.44 -21.96 9.45
CA ILE A 6 5.22 -21.18 9.25
C ILE A 6 5.57 -19.79 8.75
N GLY A 7 4.76 -19.27 7.82
CA GLY A 7 4.99 -17.98 7.21
C GLY A 7 4.49 -16.85 8.10
N ASP A 8 4.37 -15.65 7.52
CA ASP A 8 4.12 -14.42 8.31
C ASP A 8 2.85 -14.54 9.14
N VAL A 9 2.96 -14.34 10.45
CA VAL A 9 1.83 -14.47 11.36
C VAL A 9 1.06 -13.16 11.47
N HIS A 10 1.75 -12.02 11.47
CA HIS A 10 1.11 -10.71 11.48
C HIS A 10 -0.02 -10.65 12.52
N GLY A 11 0.30 -10.99 13.75
CA GLY A 11 -0.69 -10.81 14.81
C GLY A 11 -1.87 -11.77 14.76
N CYS A 12 -1.82 -12.78 13.90
CA CYS A 12 -2.96 -13.70 13.75
C CYS A 12 -2.76 -14.85 14.73
N TYR A 13 -2.88 -14.51 16.02
CA TYR A 13 -2.62 -15.48 17.08
C TYR A 13 -3.59 -16.67 17.02
N ASP A 14 -4.89 -16.42 16.86
CA ASP A 14 -5.85 -17.53 16.83
C ASP A 14 -5.51 -18.54 15.74
N GLU A 15 -5.17 -18.03 14.53
CA GLU A 15 -4.85 -18.92 13.42
C GLU A 15 -3.55 -19.67 13.68
N LEU A 16 -2.58 -19.00 14.29
CA LEU A 16 -1.32 -19.66 14.59
C LEU A 16 -1.55 -20.85 15.52
N ILE A 17 -2.27 -20.61 16.62
CA ILE A 17 -2.48 -21.69 17.58
C ILE A 17 -3.32 -22.80 16.97
N ALA A 18 -4.36 -22.46 16.19
CA ALA A 18 -5.17 -23.51 15.56
C ALA A 18 -4.32 -24.35 14.60
N LEU A 19 -3.42 -23.71 13.86
CA LEU A 19 -2.55 -24.47 12.96
C LEU A 19 -1.59 -25.35 13.73
N LEU A 20 -1.00 -24.84 14.81
CA LEU A 20 -0.09 -25.65 15.62
C LEU A 20 -0.83 -26.84 16.27
N HIS A 21 -2.07 -26.64 16.67
CA HIS A 21 -2.85 -27.75 17.21
C HIS A 21 -3.18 -28.78 16.12
N LYS A 22 -3.41 -28.32 14.89
CA LYS A 22 -3.66 -29.25 13.79
C LYS A 22 -2.49 -30.21 13.59
N VAL A 23 -1.25 -29.71 13.69
CA VAL A 23 -0.09 -30.59 13.52
C VAL A 23 0.37 -31.21 14.84
N GLU A 24 -0.33 -30.94 15.95
CA GLU A 24 0.07 -31.40 17.28
C GLU A 24 1.52 -31.01 17.59
N PHE A 25 1.82 -29.73 17.38
CA PHE A 25 3.16 -29.23 17.70
C PHE A 25 3.45 -29.39 19.18
N THR A 26 4.58 -30.04 19.48
CA THR A 26 4.95 -30.43 20.84
C THR A 26 6.37 -29.96 21.14
N PRO A 27 6.52 -28.81 21.80
CA PRO A 27 7.86 -28.35 22.18
C PRO A 27 8.57 -29.46 22.93
N GLY A 28 9.86 -29.63 22.65
CA GLY A 28 10.67 -30.69 23.20
C GLY A 28 10.77 -31.90 22.31
N LYS A 29 9.77 -32.14 21.46
CA LYS A 29 9.86 -33.11 20.38
C LYS A 29 9.95 -32.46 19.00
N ASP A 30 9.41 -31.26 18.86
CA ASP A 30 9.28 -30.57 17.59
C ASP A 30 9.97 -29.22 17.68
N THR A 31 10.31 -28.68 16.50
CA THR A 31 10.89 -27.34 16.40
C THR A 31 10.10 -26.54 15.36
N LEU A 32 9.80 -25.28 15.71
CA LEU A 32 9.03 -24.41 14.82
C LEU A 32 9.97 -23.34 14.26
N TRP A 33 9.96 -23.14 12.95
CA TRP A 33 10.67 -22.04 12.30
C TRP A 33 9.62 -21.02 11.88
N LEU A 34 9.88 -19.73 12.13
CA LEU A 34 8.93 -18.68 11.74
C LEU A 34 9.65 -17.67 10.86
N THR A 35 9.01 -17.26 9.74
CA THR A 35 9.64 -16.38 8.75
C THR A 35 9.64 -14.92 9.17
N GLY A 36 9.22 -14.58 10.37
CA GLY A 36 9.20 -13.17 10.80
C GLY A 36 7.89 -12.50 10.40
N ASP A 37 7.85 -11.18 10.62
CA ASP A 37 6.58 -10.45 10.59
C ASP A 37 5.58 -11.13 11.52
N LEU A 38 6.00 -11.27 12.78
CA LEU A 38 5.13 -11.82 13.81
C LEU A 38 4.00 -10.88 14.18
N VAL A 39 4.21 -9.58 13.94
CA VAL A 39 3.36 -8.53 14.47
C VAL A 39 2.78 -7.72 13.32
N ALA A 40 1.81 -6.90 13.68
CA ALA A 40 1.14 -5.86 12.87
C ALA A 40 0.02 -6.43 12.00
N ARG A 41 -1.03 -5.60 11.86
CA ARG A 41 -2.24 -5.74 11.05
C ARG A 41 -3.25 -6.67 11.72
N GLY A 42 -2.86 -7.90 12.04
CA GLY A 42 -3.74 -8.77 12.78
C GLY A 42 -3.89 -8.29 14.20
N PRO A 43 -4.84 -8.83 14.96
CA PRO A 43 -5.20 -8.17 16.25
C PRO A 43 -4.35 -8.59 17.46
N GLY A 44 -3.62 -9.69 17.36
CA GLY A 44 -3.00 -10.29 18.53
C GLY A 44 -1.48 -10.29 18.54
N SER A 45 -0.88 -9.17 18.13
CA SER A 45 0.59 -9.11 18.15
C SER A 45 1.16 -9.38 19.54
N LEU A 46 0.49 -8.89 20.60
CA LEU A 46 0.98 -9.06 21.96
C LEU A 46 1.00 -10.55 22.34
N ASP A 47 -0.10 -11.27 22.05
CA ASP A 47 -0.16 -12.69 22.36
C ASP A 47 0.87 -13.46 21.53
N VAL A 48 1.04 -13.10 20.26
CA VAL A 48 2.03 -13.80 19.43
C VAL A 48 3.40 -13.67 20.03
N LEU A 49 3.81 -12.45 20.37
CA LEU A 49 5.17 -12.32 20.91
C LEU A 49 5.33 -13.05 22.24
N ARG A 50 4.32 -12.98 23.13
CA ARG A 50 4.43 -13.71 24.39
C ARG A 50 4.62 -15.19 24.14
N TYR A 51 3.80 -15.75 23.23
CA TYR A 51 3.89 -17.18 22.97
C TYR A 51 5.24 -17.57 22.33
N VAL A 52 5.63 -16.84 21.28
CA VAL A 52 6.86 -17.23 20.57
C VAL A 52 8.08 -17.10 21.50
N LYS A 53 8.12 -16.04 22.32
CA LYS A 53 9.21 -15.93 23.29
C LYS A 53 9.22 -17.12 24.25
N SER A 54 8.02 -17.56 24.68
CA SER A 54 7.97 -18.67 25.64
C SER A 54 8.50 -19.97 25.07
N LEU A 55 8.56 -20.10 23.73
CA LEU A 55 9.03 -21.37 23.15
C LEU A 55 10.54 -21.60 23.30
N GLY A 56 11.32 -20.56 23.51
CA GLY A 56 12.75 -20.76 23.74
C GLY A 56 13.39 -21.53 22.59
N ASP A 57 14.17 -22.57 22.91
CA ASP A 57 14.90 -23.33 21.91
C ASP A 57 14.00 -24.11 20.96
N SER A 58 12.69 -24.17 21.24
CA SER A 58 11.78 -24.87 20.34
C SER A 58 11.35 -24.01 19.17
N VAL A 59 11.83 -22.77 19.09
CA VAL A 59 11.50 -21.92 17.95
C VAL A 59 12.78 -21.32 17.39
N ARG A 60 12.85 -21.22 16.06
CA ARG A 60 13.93 -20.54 15.32
C ARG A 60 13.24 -19.46 14.48
N LEU A 61 13.41 -18.22 14.91
CA LEU A 61 12.77 -17.04 14.30
C LEU A 61 13.78 -16.33 13.42
N VAL A 62 13.30 -15.64 12.38
CA VAL A 62 14.06 -14.57 11.72
C VAL A 62 13.21 -13.30 11.79
N LEU A 63 13.86 -12.14 11.97
CA LEU A 63 13.11 -10.89 12.00
C LEU A 63 12.67 -10.42 10.62
N GLY A 64 11.45 -9.90 10.51
CA GLY A 64 10.97 -9.31 9.28
C GLY A 64 10.89 -7.78 9.35
N ASN A 65 10.41 -7.19 8.25
CA ASN A 65 10.39 -5.73 8.20
C ASN A 65 9.38 -5.14 9.18
N HIS A 66 8.28 -5.84 9.48
CA HIS A 66 7.35 -5.29 10.47
C HIS A 66 7.83 -5.48 11.90
N ASP A 67 8.64 -6.51 12.12
CA ASP A 67 9.25 -6.64 13.44
C ASP A 67 10.23 -5.49 13.69
N LEU A 68 11.05 -5.18 12.70
CA LEU A 68 11.96 -4.04 12.84
C LEU A 68 11.19 -2.72 12.98
N HIS A 69 10.12 -2.55 12.20
CA HIS A 69 9.31 -1.33 12.34
C HIS A 69 8.72 -1.19 13.75
N LEU A 70 8.21 -2.29 14.33
CA LEU A 70 7.73 -2.24 15.70
C LEU A 70 8.83 -1.74 16.64
N LEU A 71 10.05 -2.29 16.47
CA LEU A 71 11.15 -1.87 17.35
C LEU A 71 11.41 -0.37 17.17
N ALA A 72 11.31 0.11 15.93
CA ALA A 72 11.50 1.54 15.69
C ALA A 72 10.44 2.39 16.37
N VAL A 73 9.18 1.93 16.37
CA VAL A 73 8.11 2.65 17.05
C VAL A 73 8.36 2.67 18.56
N PHE A 74 8.70 1.50 19.10
CA PHE A 74 9.00 1.37 20.53
C PHE A 74 10.10 2.34 20.96
N ALA A 75 11.14 2.46 20.14
CA ALA A 75 12.28 3.31 20.47
C ALA A 75 12.04 4.80 20.18
N GLY A 76 10.85 5.18 19.70
CA GLY A 76 10.53 6.57 19.40
C GLY A 76 11.15 7.07 18.12
N ILE A 77 11.62 6.16 17.25
CA ILE A 77 12.23 6.51 15.97
C ILE A 77 11.17 6.77 14.91
N SER A 78 10.08 6.00 14.92
CA SER A 78 9.11 6.03 13.83
C SER A 78 7.72 6.15 14.42
N ARG A 79 6.80 6.66 13.59
CA ARG A 79 5.44 6.92 14.05
C ARG A 79 4.62 5.63 13.96
N ASN A 80 3.75 5.46 14.95
CA ASN A 80 2.83 4.33 15.05
C ASN A 80 1.68 4.54 14.06
N LYS A 81 1.47 3.60 13.17
CA LYS A 81 0.36 3.69 12.22
C LYS A 81 -0.84 2.96 12.78
N PRO A 82 -2.01 3.61 12.85
CA PRO A 82 -3.16 2.91 13.45
C PRO A 82 -3.43 1.56 12.84
N LYS A 83 -3.28 1.40 11.52
CA LYS A 83 -3.59 0.13 10.85
C LYS A 83 -2.77 -1.05 11.38
N ASP A 84 -1.58 -0.79 11.93
CA ASP A 84 -0.71 -1.87 12.41
C ASP A 84 -1.24 -2.52 13.69
N ARG A 85 -2.09 -1.84 14.45
CA ARG A 85 -2.71 -2.39 15.66
C ARG A 85 -1.68 -2.83 16.70
N LEU A 86 -0.65 -2.01 16.88
CA LEU A 86 0.45 -2.32 17.79
C LEU A 86 0.25 -1.73 19.18
N THR A 87 -0.80 -0.95 19.40
CA THR A 87 -0.89 -0.26 20.69
C THR A 87 -0.99 -1.20 21.90
N PRO A 88 -1.78 -2.27 21.88
CA PRO A 88 -1.81 -3.16 23.07
C PRO A 88 -0.44 -3.71 23.41
N LEU A 89 0.35 -4.07 22.39
CA LEU A 89 1.70 -4.57 22.66
C LEU A 89 2.58 -3.44 23.20
N LEU A 90 2.57 -2.27 22.55
CA LEU A 90 3.41 -1.17 23.02
C LEU A 90 3.06 -0.74 24.45
N GLU A 91 1.80 -0.87 24.86
CA GLU A 91 1.34 -0.45 26.20
C GLU A 91 1.42 -1.55 27.24
N ALA A 92 1.82 -2.76 26.84
CA ALA A 92 1.80 -3.88 27.75
C ALA A 92 2.83 -3.69 28.87
N PRO A 93 2.56 -4.19 30.07
CA PRO A 93 3.56 -4.07 31.14
C PRO A 93 4.83 -4.82 30.87
N ASP A 94 4.79 -5.87 30.02
CA ASP A 94 5.99 -6.60 29.67
C ASP A 94 6.55 -6.18 28.30
N ALA A 95 6.16 -5.02 27.78
CA ALA A 95 6.65 -4.59 26.47
C ALA A 95 8.18 -4.57 26.44
N ASP A 96 8.83 -4.02 27.50
CA ASP A 96 10.30 -3.97 27.45
C ASP A 96 10.90 -5.37 27.34
N GLU A 97 10.42 -6.30 28.17
CA GLU A 97 10.91 -7.67 28.15
C GLU A 97 10.72 -8.32 26.77
N LEU A 98 9.52 -8.16 26.17
CA LEU A 98 9.21 -8.79 24.88
C LEU A 98 10.06 -8.18 23.78
N LEU A 99 10.21 -6.85 23.77
CA LEU A 99 10.91 -6.22 22.64
C LEU A 99 12.41 -6.29 22.79
N ASN A 100 12.93 -6.30 24.02
CA ASN A 100 14.36 -6.56 24.17
C ASN A 100 14.71 -7.99 23.80
N TRP A 101 13.77 -8.94 23.99
CA TRP A 101 13.97 -10.27 23.45
C TRP A 101 13.91 -10.25 21.91
N LEU A 102 12.93 -9.53 21.35
CA LEU A 102 12.75 -9.57 19.90
C LEU A 102 13.98 -9.02 19.16
N ARG A 103 14.55 -7.91 19.66
CA ARG A 103 15.67 -7.34 18.92
C ARG A 103 16.93 -8.19 19.00
N ARG A 104 16.99 -9.20 19.89
CA ARG A 104 18.12 -10.10 19.93
C ARG A 104 17.95 -11.30 19.01
N GLN A 105 16.87 -11.36 18.21
CA GLN A 105 16.71 -12.58 17.44
C GLN A 105 17.38 -12.46 16.08
N PRO A 106 17.61 -13.59 15.40
CA PRO A 106 18.44 -13.53 14.19
C PRO A 106 17.73 -12.92 13.00
N LEU A 107 18.53 -12.55 12.01
CA LEU A 107 17.98 -12.25 10.69
C LEU A 107 18.08 -13.46 9.75
N LEU A 108 18.83 -14.49 10.14
CA LEU A 108 19.14 -15.60 9.25
C LEU A 108 19.25 -16.86 10.10
N GLN A 109 18.63 -17.95 9.67
CA GLN A 109 18.76 -19.24 10.33
C GLN A 109 19.32 -20.23 9.32
N ILE A 110 20.26 -21.05 9.76
CA ILE A 110 20.86 -22.08 8.91
C ILE A 110 20.89 -23.40 9.67
N ASP A 111 20.41 -24.47 9.04
CA ASP A 111 20.52 -25.83 9.56
C ASP A 111 21.29 -26.64 8.53
N GLU A 112 22.53 -26.98 8.86
CA GLU A 112 23.38 -27.66 7.88
C GLU A 112 22.92 -29.09 7.65
N GLU A 113 22.41 -29.77 8.66
CA GLU A 113 21.99 -31.15 8.43
C GLU A 113 20.74 -31.22 7.56
N LYS A 114 19.88 -30.20 7.61
CA LYS A 114 18.73 -30.16 6.74
C LYS A 114 19.04 -29.46 5.44
N LYS A 115 20.23 -28.86 5.32
CA LYS A 115 20.62 -28.03 4.19
C LYS A 115 19.52 -27.01 3.92
N LEU A 116 19.18 -26.26 4.98
CA LEU A 116 18.03 -25.37 4.97
C LEU A 116 18.46 -24.01 5.50
N VAL A 117 18.14 -22.98 4.76
CA VAL A 117 18.34 -21.59 5.14
C VAL A 117 16.97 -20.92 5.19
N MET A 118 16.78 -20.05 6.18
CA MET A 118 15.64 -19.17 6.32
C MET A 118 16.05 -17.72 6.51
N ALA A 119 15.38 -16.82 5.77
CA ALA A 119 15.38 -15.39 6.09
C ALA A 119 14.02 -14.83 5.70
N HIS A 120 13.70 -13.62 6.18
CA HIS A 120 12.33 -13.11 5.97
C HIS A 120 12.01 -13.01 4.48
N ALA A 121 12.87 -12.30 3.73
CA ALA A 121 12.58 -12.05 2.32
C ALA A 121 13.27 -13.04 1.39
N GLY A 122 14.24 -13.79 1.89
CA GLY A 122 15.03 -14.72 1.09
C GLY A 122 16.50 -14.34 1.13
N ILE A 123 17.27 -14.84 0.16
CA ILE A 123 18.70 -14.59 0.08
C ILE A 123 19.00 -13.97 -1.27
N THR A 124 19.50 -12.74 -1.27
CA THR A 124 19.78 -12.14 -2.57
C THR A 124 20.80 -12.99 -3.35
N PRO A 125 20.60 -13.13 -4.65
CA PRO A 125 21.56 -13.91 -5.45
C PRO A 125 22.96 -13.30 -5.49
N GLN A 126 23.13 -12.06 -5.01
CA GLN A 126 24.44 -11.45 -4.95
C GLN A 126 25.26 -11.89 -3.76
N TRP A 127 24.70 -12.73 -2.86
CA TRP A 127 25.40 -13.22 -1.69
C TRP A 127 25.71 -14.71 -1.79
N ASP A 128 26.91 -15.09 -1.39
CA ASP A 128 27.18 -16.48 -1.06
C ASP A 128 26.89 -16.68 0.43
N LEU A 129 27.00 -17.91 0.92
CA LEU A 129 26.57 -18.17 2.28
C LEU A 129 27.45 -17.43 3.29
N GLN A 130 28.77 -17.42 3.06
CA GLN A 130 29.66 -16.76 4.02
C GLN A 130 29.31 -15.27 4.13
N THR A 131 28.97 -14.64 3.01
CA THR A 131 28.62 -13.23 3.06
C THR A 131 27.28 -13.02 3.77
N ALA A 132 26.28 -13.86 3.46
CA ALA A 132 25.01 -13.73 4.16
C ALA A 132 25.20 -13.86 5.67
N LYS A 133 26.04 -14.80 6.09
CA LYS A 133 26.27 -15.00 7.52
C LYS A 133 26.92 -13.78 8.15
N GLU A 134 27.96 -13.24 7.50
CA GLU A 134 28.62 -12.06 8.04
C GLU A 134 27.69 -10.87 8.10
N CYS A 135 26.87 -10.65 7.06
CA CYS A 135 25.95 -9.53 7.07
C CYS A 135 24.89 -9.71 8.14
N ALA A 136 24.34 -10.91 8.28
CA ALA A 136 23.40 -11.12 9.38
C ALA A 136 24.05 -10.81 10.72
N ARG A 137 25.28 -11.29 10.93
CA ARG A 137 25.95 -11.06 12.20
C ARG A 137 26.14 -9.57 12.47
N ASP A 138 26.50 -8.80 11.44
CA ASP A 138 26.75 -7.38 11.63
C ASP A 138 25.48 -6.63 12.03
N VAL A 139 24.35 -6.95 11.37
CA VAL A 139 23.14 -6.21 11.73
C VAL A 139 22.60 -6.72 13.07
N GLU A 140 22.65 -8.04 13.29
CA GLU A 140 22.24 -8.55 14.60
C GLU A 140 23.04 -7.88 15.72
N ALA A 141 24.34 -7.62 15.49
CA ALA A 141 25.12 -6.99 16.54
C ALA A 141 24.61 -5.60 16.84
N VAL A 142 24.25 -4.82 15.81
CA VAL A 142 23.75 -3.47 16.12
C VAL A 142 22.38 -3.55 16.80
N LEU A 143 21.53 -4.50 16.37
CA LEU A 143 20.19 -4.58 16.95
C LEU A 143 20.21 -5.03 18.40
N SER A 144 21.21 -5.85 18.78
N SER A 144 21.22 -5.85 18.76
CA SER A 144 21.28 -6.34 20.14
CA SER A 144 21.34 -6.37 20.11
C SER A 144 22.09 -5.41 21.05
C SER A 144 22.09 -5.42 21.04
N SER A 145 22.62 -4.33 20.50
CA SER A 145 23.46 -3.44 21.29
C SER A 145 22.60 -2.40 22.04
N ASP A 146 23.21 -1.77 23.05
CA ASP A 146 22.51 -0.71 23.76
C ASP A 146 22.14 0.45 22.87
N SER A 147 22.81 0.62 21.73
CA SER A 147 22.58 1.77 20.86
C SER A 147 21.69 1.43 19.67
N TYR A 148 20.85 0.41 19.78
CA TYR A 148 20.06 0.01 18.62
C TYR A 148 19.13 1.10 18.05
N PRO A 149 18.64 2.10 18.79
CA PRO A 149 17.77 3.10 18.14
C PRO A 149 18.48 3.88 17.06
N PHE A 150 19.79 4.13 17.18
CA PHE A 150 20.49 4.79 16.07
C PHE A 150 20.49 3.94 14.81
N PHE A 151 20.72 2.62 14.94
CA PHE A 151 20.62 1.80 13.75
C PHE A 151 19.21 1.79 13.19
N LEU A 152 18.19 1.64 14.06
CA LEU A 152 16.82 1.64 13.55
C LEU A 152 16.55 2.91 12.75
N ASP A 153 17.09 4.04 13.21
CA ASP A 153 16.84 5.27 12.46
C ASP A 153 17.56 5.23 11.12
N ALA A 154 18.75 4.66 11.12
CA ALA A 154 19.56 4.63 9.90
C ALA A 154 19.05 3.64 8.85
N MET A 155 18.30 2.62 9.26
CA MET A 155 17.91 1.55 8.35
C MET A 155 16.96 2.02 7.26
N TYR A 156 16.20 3.07 7.49
CA TYR A 156 15.24 3.50 6.49
C TYR A 156 15.99 4.07 5.28
N GLY A 157 15.56 3.68 4.09
CA GLY A 157 16.20 4.08 2.86
C GLY A 157 16.11 2.98 1.82
N ASP A 158 16.17 3.38 0.54
CA ASP A 158 16.08 2.44 -0.57
C ASP A 158 17.41 2.23 -1.29
N MET A 159 18.47 2.94 -0.92
CA MET A 159 19.76 2.80 -1.58
C MET A 159 20.84 2.59 -0.55
N PRO A 160 21.94 1.97 -0.91
CA PRO A 160 22.28 1.42 -2.24
C PRO A 160 21.54 0.12 -2.47
N ASN A 161 21.35 -0.29 -3.73
CA ASN A 161 20.58 -1.48 -4.04
C ASN A 161 21.43 -2.53 -4.73
N ASN A 162 22.73 -2.35 -4.74
CA ASN A 162 23.67 -3.28 -5.31
C ASN A 162 24.72 -3.64 -4.28
N TRP A 163 24.94 -4.95 -4.06
CA TRP A 163 25.95 -5.38 -3.09
C TRP A 163 27.36 -5.23 -3.64
N SER A 164 28.28 -4.81 -2.77
CA SER A 164 29.71 -4.91 -2.98
C SER A 164 30.39 -5.14 -1.64
N PRO A 165 31.40 -6.01 -1.56
CA PRO A 165 32.15 -6.11 -0.30
C PRO A 165 32.79 -4.80 0.11
N GLU A 166 32.86 -3.83 -0.80
CA GLU A 166 33.45 -2.52 -0.49
C GLU A 166 32.47 -1.58 0.19
N LEU A 167 31.19 -1.91 0.26
CA LEU A 167 30.24 -1.05 0.94
C LEU A 167 30.66 -0.86 2.38
N ARG A 168 30.45 0.35 2.90
CA ARG A 168 30.79 0.65 4.28
C ARG A 168 29.68 1.46 4.90
N GLY A 169 29.65 1.48 6.23
CA GLY A 169 28.81 2.46 6.92
C GLY A 169 27.31 2.29 6.70
N LEU A 170 26.63 3.43 6.64
CA LEU A 170 25.17 3.43 6.63
C LEU A 170 24.65 2.66 5.42
N GLY A 171 25.29 2.86 4.28
CA GLY A 171 24.83 2.18 3.06
C GLY A 171 24.95 0.68 3.16
N ARG A 172 26.03 0.21 3.77
CA ARG A 172 26.19 -1.24 3.94
C ARG A 172 25.06 -1.80 4.79
N LEU A 173 24.82 -1.16 5.94
CA LEU A 173 23.74 -1.65 6.82
C LEU A 173 22.37 -1.57 6.16
N ARG A 174 22.09 -0.48 5.43
CA ARG A 174 20.78 -0.33 4.76
C ARG A 174 20.60 -1.43 3.72
N PHE A 175 21.63 -1.67 2.90
CA PHE A 175 21.51 -2.76 1.92
C PHE A 175 21.23 -4.08 2.62
N ILE A 176 21.99 -4.38 3.66
CA ILE A 176 21.82 -5.66 4.34
C ILE A 176 20.37 -5.81 4.81
N THR A 177 19.85 -4.76 5.46
CA THR A 177 18.48 -4.78 6.01
C THR A 177 17.47 -4.95 4.90
N ASN A 178 17.66 -4.24 3.79
CA ASN A 178 16.72 -4.35 2.68
C ASN A 178 16.76 -5.75 2.06
N ALA A 179 17.95 -6.32 1.89
CA ALA A 179 18.08 -7.65 1.29
C ALA A 179 17.39 -8.73 2.15
N PHE A 180 17.58 -8.66 3.45
CA PHE A 180 16.99 -9.70 4.32
C PHE A 180 15.50 -9.48 4.55
N THR A 181 15.01 -8.22 4.57
CA THR A 181 13.65 -8.03 5.05
C THR A 181 12.71 -7.35 4.08
N ARG A 182 13.19 -6.83 2.95
CA ARG A 182 12.29 -6.15 2.01
C ARG A 182 12.35 -6.67 0.58
N MET A 183 13.40 -7.40 0.20
CA MET A 183 13.58 -7.92 -1.15
C MET A 183 12.37 -8.65 -1.71
N ARG A 184 12.02 -8.32 -2.95
CA ARG A 184 11.14 -9.16 -3.78
C ARG A 184 11.78 -9.33 -5.17
N PHE A 185 11.75 -8.27 -5.97
CA PHE A 185 12.25 -8.30 -7.35
C PHE A 185 13.70 -7.85 -7.46
N CYS A 186 14.39 -8.42 -8.45
CA CYS A 186 15.74 -8.05 -8.81
C CYS A 186 15.80 -7.62 -10.28
N PHE A 187 16.74 -6.74 -10.58
CA PHE A 187 17.13 -6.53 -11.97
C PHE A 187 17.98 -7.73 -12.42
N PRO A 188 18.17 -7.90 -13.74
CA PRO A 188 18.91 -9.08 -14.19
C PRO A 188 20.27 -9.24 -13.54
N ASN A 189 20.94 -8.14 -13.17
CA ASN A 189 22.25 -8.24 -12.55
C ASN A 189 22.18 -8.52 -11.03
N GLY A 190 20.99 -8.76 -10.49
CA GLY A 190 20.84 -9.03 -9.07
C GLY A 190 20.53 -7.82 -8.21
N GLN A 191 20.61 -6.62 -8.78
CA GLN A 191 20.27 -5.40 -8.04
C GLN A 191 18.85 -5.43 -7.50
N LEU A 192 18.66 -4.94 -6.27
CA LEU A 192 17.33 -4.93 -5.67
C LEU A 192 16.45 -3.85 -6.29
N ASP A 193 15.18 -4.18 -6.54
CA ASP A 193 14.17 -3.17 -6.78
C ASP A 193 13.34 -2.96 -5.51
N MET A 194 13.25 -1.71 -5.03
CA MET A 194 12.61 -1.50 -3.75
C MET A 194 11.19 -0.97 -3.88
N TYR A 195 10.58 -1.05 -5.08
CA TYR A 195 9.28 -0.41 -5.25
C TYR A 195 8.15 -1.37 -5.56
N SER A 196 8.40 -2.35 -6.42
CA SER A 196 7.33 -3.22 -6.88
C SER A 196 7.03 -4.33 -5.86
N LYS A 197 5.76 -4.48 -5.50
CA LYS A 197 5.29 -5.48 -4.55
C LYS A 197 4.26 -6.41 -5.17
N GLU A 198 4.16 -6.43 -6.50
CA GLU A 198 3.18 -7.22 -7.22
C GLU A 198 3.66 -8.66 -7.34
N SER A 199 2.79 -9.47 -7.92
CA SER A 199 3.17 -10.83 -8.26
C SER A 199 4.09 -10.81 -9.48
N PRO A 200 4.87 -11.87 -9.65
CA PRO A 200 5.82 -11.94 -10.75
C PRO A 200 5.20 -11.67 -12.13
N GLU A 201 3.99 -12.18 -12.39
CA GLU A 201 3.31 -12.01 -13.67
C GLU A 201 2.82 -10.56 -13.90
N GLU A 202 2.67 -9.79 -12.82
CA GLU A 202 2.14 -8.42 -12.80
C GLU A 202 3.25 -7.40 -12.83
N ALA A 203 4.49 -7.87 -12.83
CA ALA A 203 5.61 -6.96 -12.65
C ALA A 203 6.10 -6.44 -14.00
N PRO A 204 6.67 -5.24 -14.05
CA PRO A 204 7.23 -4.72 -15.31
C PRO A 204 8.61 -5.29 -15.58
N ALA A 205 8.92 -5.49 -16.87
CA ALA A 205 10.25 -5.92 -17.28
C ALA A 205 11.30 -4.84 -16.95
N PRO A 206 12.56 -5.23 -16.77
CA PRO A 206 13.10 -6.58 -16.79
C PRO A 206 13.09 -7.19 -15.37
N LEU A 207 12.17 -6.79 -14.49
CA LEU A 207 12.19 -7.29 -13.12
C LEU A 207 11.85 -8.78 -13.08
N LYS A 208 12.59 -9.52 -12.26
CA LYS A 208 12.36 -10.93 -12.02
C LYS A 208 12.43 -11.19 -10.53
N PRO A 209 11.75 -12.24 -10.03
CA PRO A 209 11.91 -12.61 -8.61
C PRO A 209 13.37 -12.90 -8.31
N TRP A 210 13.78 -12.54 -7.07
CA TRP A 210 15.14 -12.82 -6.65
C TRP A 210 15.47 -14.29 -6.80
N PHE A 211 14.48 -15.17 -6.60
CA PHE A 211 14.79 -16.59 -6.67
C PHE A 211 14.86 -17.13 -8.10
N ALA A 212 14.50 -16.30 -9.09
CA ALA A 212 14.63 -16.68 -10.50
C ALA A 212 16.03 -16.40 -11.05
N ILE A 213 16.92 -15.83 -10.26
CA ILE A 213 18.30 -15.54 -10.62
C ILE A 213 19.17 -16.56 -9.90
N PRO A 214 19.93 -17.38 -10.61
CA PRO A 214 20.72 -18.41 -9.91
C PRO A 214 21.72 -17.76 -8.97
N GLY A 215 21.73 -18.23 -7.73
CA GLY A 215 22.63 -17.69 -6.72
C GLY A 215 23.31 -18.82 -5.99
N PRO A 216 24.50 -18.55 -5.46
CA PRO A 216 25.28 -19.65 -4.85
C PRO A 216 24.59 -20.29 -3.66
N VAL A 217 23.81 -19.54 -2.88
CA VAL A 217 23.18 -20.18 -1.71
C VAL A 217 22.09 -21.13 -2.18
N ALA A 218 21.24 -20.65 -3.07
CA ALA A 218 20.12 -21.45 -3.56
C ALA A 218 20.59 -22.67 -4.31
N GLU A 219 21.82 -22.65 -4.84
CA GLU A 219 22.35 -23.80 -5.54
C GLU A 219 22.71 -24.95 -4.61
N GLU A 220 23.00 -24.67 -3.34
CA GLU A 220 23.40 -25.70 -2.38
C GLU A 220 22.39 -25.93 -1.24
N TYR A 221 21.52 -24.97 -0.95
CA TYR A 221 20.61 -25.03 0.18
C TYR A 221 19.19 -24.81 -0.28
N SER A 222 18.26 -25.44 0.42
CA SER A 222 16.87 -25.03 0.27
C SER A 222 16.73 -23.70 0.97
N ILE A 223 15.83 -22.84 0.47
CA ILE A 223 15.59 -21.54 1.11
C ILE A 223 14.11 -21.44 1.42
N ALA A 224 13.77 -21.17 2.69
CA ALA A 224 12.40 -20.89 3.11
C ALA A 224 12.30 -19.39 3.46
N PHE A 225 11.21 -18.78 3.07
CA PHE A 225 11.07 -17.35 3.34
C PHE A 225 9.60 -17.01 3.45
N GLY A 226 9.30 -15.80 3.92
CA GLY A 226 7.91 -15.37 3.97
C GLY A 226 7.77 -14.09 3.14
N HIS A 227 7.23 -13.02 3.76
CA HIS A 227 7.31 -11.66 3.24
C HIS A 227 6.47 -11.35 1.99
N TRP A 228 6.62 -12.14 0.92
CA TRP A 228 6.07 -11.73 -0.37
C TRP A 228 4.65 -12.28 -0.55
N ALA A 229 3.70 -11.58 0.06
CA ALA A 229 2.33 -12.09 0.13
C ALA A 229 1.69 -12.17 -1.25
N SER A 230 2.04 -11.26 -2.17
CA SER A 230 1.39 -11.30 -3.47
C SER A 230 1.86 -12.48 -4.31
N LEU A 231 2.92 -13.17 -3.89
CA LEU A 231 3.33 -14.42 -4.52
C LEU A 231 2.35 -15.55 -4.21
N GLU A 232 1.62 -15.41 -3.09
CA GLU A 232 0.61 -16.38 -2.64
C GLU A 232 1.22 -17.78 -2.46
N GLY A 233 2.51 -17.85 -2.17
CA GLY A 233 3.17 -19.11 -1.92
C GLY A 233 3.38 -19.99 -3.16
N LYS A 234 3.18 -19.45 -4.35
CA LYS A 234 3.20 -20.23 -5.59
C LYS A 234 4.28 -19.72 -6.51
N GLY A 235 4.59 -20.52 -7.53
CA GLY A 235 5.46 -20.01 -8.57
C GLY A 235 6.93 -20.08 -8.29
N THR A 236 7.37 -20.92 -7.31
CA THR A 236 8.79 -20.96 -6.99
C THR A 236 9.45 -22.21 -7.57
N PRO A 237 10.75 -22.16 -7.79
CA PRO A 237 11.49 -23.34 -8.27
C PRO A 237 11.68 -24.36 -7.17
N GLU A 238 12.13 -25.56 -7.59
CA GLU A 238 12.46 -26.58 -6.61
C GLU A 238 13.44 -26.02 -5.58
N GLY A 239 13.20 -26.31 -4.31
CA GLY A 239 14.13 -25.91 -3.28
C GLY A 239 13.89 -24.53 -2.72
N ILE A 240 12.89 -23.83 -3.25
CA ILE A 240 12.52 -22.49 -2.76
C ILE A 240 11.11 -22.61 -2.20
N TYR A 241 10.92 -22.22 -0.92
CA TYR A 241 9.64 -22.39 -0.24
C TYR A 241 9.12 -21.03 0.19
N ALA A 242 8.09 -20.55 -0.48
CA ALA A 242 7.47 -19.26 -0.19
C ALA A 242 6.30 -19.53 0.75
N LEU A 243 6.48 -19.25 2.03
CA LEU A 243 5.50 -19.65 3.02
C LEU A 243 4.44 -18.59 3.37
N ASP A 244 4.58 -17.35 2.87
CA ASP A 244 3.62 -16.30 3.22
C ASP A 244 2.41 -16.35 2.29
N THR A 245 1.31 -16.94 2.78
CA THR A 245 0.07 -16.99 2.01
C THR A 245 -0.97 -15.98 2.52
N GLY A 246 -0.52 -14.94 3.22
CA GLY A 246 -1.35 -13.77 3.43
C GLY A 246 -2.41 -13.87 4.50
N CYS A 247 -2.12 -14.54 5.63
CA CYS A 247 -3.17 -14.76 6.60
C CYS A 247 -3.81 -13.43 7.03
N CYS A 248 -2.99 -12.43 7.33
CA CYS A 248 -3.55 -11.16 7.80
C CYS A 248 -4.39 -10.46 6.74
N TRP A 249 -4.23 -10.81 5.47
CA TRP A 249 -4.99 -10.20 4.39
C TRP A 249 -6.28 -10.96 4.09
N GLY A 250 -6.65 -11.95 4.88
CA GLY A 250 -7.78 -12.79 4.55
C GLY A 250 -7.39 -14.01 3.73
N GLY A 251 -6.09 -14.27 3.57
CA GLY A 251 -5.65 -15.48 2.91
C GLY A 251 -5.61 -16.63 3.88
N THR A 252 -4.45 -17.26 4.00
CA THR A 252 -4.30 -18.42 4.87
C THR A 252 -2.94 -18.35 5.56
N LEU A 253 -2.86 -19.04 6.69
CA LEU A 253 -1.59 -19.33 7.35
C LEU A 253 -1.10 -20.70 6.92
N THR A 254 0.12 -20.78 6.42
CA THR A 254 0.67 -22.04 5.90
C THR A 254 1.77 -22.57 6.79
N CYS A 255 1.74 -23.89 7.03
CA CYS A 255 2.77 -24.60 7.78
C CYS A 255 3.28 -25.71 6.89
N LEU A 256 4.60 -25.85 6.81
CA LEU A 256 5.26 -26.92 6.06
C LEU A 256 6.00 -27.79 7.06
N ARG A 257 5.71 -29.11 7.06
CA ARG A 257 6.53 -30.05 7.83
C ARG A 257 7.72 -30.50 6.96
N TRP A 258 8.94 -30.30 7.49
CA TRP A 258 10.11 -30.48 6.65
C TRP A 258 10.37 -31.95 6.34
N GLU A 259 10.06 -32.85 7.26
CA GLU A 259 10.49 -34.24 7.03
C GLU A 259 9.84 -34.86 5.80
N ASP A 260 8.56 -34.56 5.57
CA ASP A 260 7.83 -35.11 4.44
C ASP A 260 7.34 -34.04 3.47
N LYS A 261 7.74 -32.79 3.67
CA LYS A 261 7.28 -31.68 2.84
C LYS A 261 5.76 -31.65 2.76
N GLN A 262 5.13 -31.89 3.87
CA GLN A 262 3.67 -31.90 3.87
C GLN A 262 3.14 -30.54 4.32
N TYR A 263 2.17 -29.96 3.59
CA TYR A 263 1.60 -28.66 3.93
C TYR A 263 0.31 -28.81 4.74
N PHE A 264 0.13 -27.90 5.70
CA PHE A 264 -1.08 -27.78 6.50
C PHE A 264 -1.50 -26.32 6.44
N VAL A 265 -2.77 -26.05 6.30
CA VAL A 265 -3.23 -24.68 6.05
C VAL A 265 -4.34 -24.34 7.02
N GLN A 266 -4.32 -23.13 7.54
CA GLN A 266 -5.35 -22.62 8.45
C GLN A 266 -5.97 -21.41 7.79
N PRO A 267 -7.26 -21.44 7.48
CA PRO A 267 -7.89 -20.27 6.84
C PRO A 267 -7.92 -19.08 7.79
N SER A 268 -7.80 -17.90 7.22
CA SER A 268 -7.95 -16.68 7.99
C SER A 268 -9.35 -16.63 8.61
N ASN A 269 -9.42 -16.10 9.83
CA ASN A 269 -10.70 -15.93 10.51
C ASN A 269 -11.51 -14.74 10.00
N ARG A 270 -10.82 -13.71 9.51
CA ARG A 270 -11.49 -12.49 9.08
C ARG A 270 -12.03 -11.74 10.29
N ALA B 2 -29.51 20.38 -17.36
CA ALA B 2 -29.45 19.66 -16.08
C ALA B 2 -27.97 19.43 -15.73
N THR B 3 -27.71 19.18 -14.46
CA THR B 3 -26.38 18.96 -13.92
C THR B 3 -26.31 17.57 -13.34
N TYR B 4 -25.33 16.76 -13.78
CA TYR B 4 -25.16 15.39 -13.34
C TYR B 4 -23.76 15.23 -12.74
N LEU B 5 -23.69 14.55 -11.60
CA LEU B 5 -22.42 14.26 -10.93
C LEU B 5 -22.24 12.76 -10.91
N ILE B 6 -21.11 12.25 -11.42
CA ILE B 6 -20.87 10.82 -11.45
C ILE B 6 -19.56 10.52 -10.75
N GLY B 7 -19.55 9.43 -9.97
CA GLY B 7 -18.38 9.01 -9.22
C GLY B 7 -17.36 8.27 -10.10
N ASP B 8 -16.39 7.64 -9.45
CA ASP B 8 -15.21 7.11 -10.17
C ASP B 8 -15.62 6.16 -11.29
N VAL B 9 -15.16 6.47 -12.50
CA VAL B 9 -15.51 5.63 -13.63
C VAL B 9 -14.55 4.46 -13.79
N HIS B 10 -13.26 4.64 -13.51
CA HIS B 10 -12.28 3.55 -13.55
C HIS B 10 -12.43 2.70 -14.82
N GLY B 11 -12.42 3.36 -15.98
CA GLY B 11 -12.40 2.61 -17.22
C GLY B 11 -13.71 1.88 -17.54
N CYS B 12 -14.77 2.13 -16.77
CA CYS B 12 -16.05 1.42 -16.97
C CYS B 12 -16.88 2.19 -18.00
N TYR B 13 -16.36 2.21 -19.23
CA TYR B 13 -16.94 3.00 -20.31
C TYR B 13 -18.39 2.59 -20.63
N ASP B 14 -18.65 1.30 -20.76
CA ASP B 14 -20.01 0.88 -21.13
C ASP B 14 -21.02 1.32 -20.08
N GLU B 15 -20.65 1.19 -18.79
CA GLU B 15 -21.55 1.62 -17.70
C GLU B 15 -21.77 3.12 -17.71
N LEU B 16 -20.71 3.89 -17.97
CA LEU B 16 -20.83 5.33 -18.04
C LEU B 16 -21.82 5.73 -19.12
N ILE B 17 -21.64 5.17 -20.33
CA ILE B 17 -22.53 5.54 -21.43
C ILE B 17 -23.97 5.10 -21.14
N ALA B 18 -24.15 3.89 -20.58
CA ALA B 18 -25.51 3.46 -20.28
C ALA B 18 -26.17 4.38 -19.27
N LEU B 19 -25.42 4.81 -18.26
CA LEU B 19 -25.98 5.75 -17.28
C LEU B 19 -26.30 7.08 -17.91
N LEU B 20 -25.41 7.60 -18.75
CA LEU B 20 -25.68 8.89 -19.40
C LEU B 20 -26.90 8.79 -20.33
N HIS B 21 -27.06 7.66 -21.02
CA HIS B 21 -28.23 7.49 -21.88
C HIS B 21 -29.50 7.38 -21.04
N LYS B 22 -29.40 6.77 -19.85
CA LYS B 22 -30.58 6.68 -18.98
C LYS B 22 -31.11 8.06 -18.61
N VAL B 23 -30.20 9.02 -18.32
CA VAL B 23 -30.63 10.38 -17.97
C VAL B 23 -30.74 11.28 -19.20
N GLU B 24 -30.56 10.75 -20.41
CA GLU B 24 -30.58 11.51 -21.66
C GLU B 24 -29.64 12.71 -21.59
N PHE B 25 -28.41 12.45 -21.15
CA PHE B 25 -27.40 13.51 -21.08
C PHE B 25 -27.17 14.13 -22.44
N THR B 26 -27.28 15.45 -22.52
CA THR B 26 -27.23 16.19 -23.78
C THR B 26 -26.21 17.31 -23.69
N PRO B 27 -25.00 17.12 -24.20
CA PRO B 27 -24.00 18.20 -24.19
C PRO B 27 -24.57 19.49 -24.78
N GLY B 28 -24.23 20.61 -24.18
CA GLY B 28 -24.75 21.90 -24.62
C GLY B 28 -26.00 22.32 -23.87
N LYS B 29 -26.78 21.36 -23.38
CA LYS B 29 -27.86 21.63 -22.47
C LYS B 29 -27.57 21.16 -21.05
N ASP B 30 -26.72 20.14 -20.90
CA ASP B 30 -26.42 19.56 -19.60
C ASP B 30 -24.93 19.66 -19.34
N THR B 31 -24.57 19.57 -18.06
CA THR B 31 -23.16 19.57 -17.67
C THR B 31 -22.92 18.34 -16.81
N LEU B 32 -21.80 17.66 -17.07
CA LEU B 32 -21.45 16.47 -16.31
C LEU B 32 -20.23 16.80 -15.44
N TRP B 33 -20.32 16.51 -14.15
CA TRP B 33 -19.20 16.61 -13.21
C TRP B 33 -18.70 15.18 -12.94
N LEU B 34 -17.38 14.98 -12.99
CA LEU B 34 -16.82 13.67 -12.73
C LEU B 34 -15.81 13.78 -11.60
N THR B 35 -15.89 12.85 -10.64
CA THR B 35 -15.03 12.93 -9.45
C THR B 35 -13.61 12.45 -9.70
N GLY B 36 -13.23 12.11 -10.93
CA GLY B 36 -11.86 11.66 -11.23
C GLY B 36 -11.75 10.16 -11.07
N ASP B 37 -10.51 9.67 -11.15
CA ASP B 37 -10.26 8.23 -11.32
C ASP B 37 -11.05 7.72 -12.52
N LEU B 38 -10.81 8.39 -13.64
CA LEU B 38 -11.44 8.02 -14.90
C LEU B 38 -10.92 6.70 -15.45
N VAL B 39 -9.71 6.32 -15.05
CA VAL B 39 -8.94 5.26 -15.68
C VAL B 39 -8.57 4.20 -14.68
N ALA B 40 -8.10 3.06 -15.21
CA ALA B 40 -7.54 1.92 -14.48
C ALA B 40 -8.61 0.97 -13.98
N ARG B 41 -8.25 -0.33 -13.97
CA ARG B 41 -9.02 -1.44 -13.44
C ARG B 41 -10.09 -1.91 -14.42
N GLY B 42 -10.99 -1.02 -14.83
CA GLY B 42 -11.95 -1.36 -15.88
C GLY B 42 -11.26 -1.42 -17.24
N PRO B 43 -11.96 -1.94 -18.25
CA PRO B 43 -11.29 -2.24 -19.52
C PRO B 43 -11.19 -1.06 -20.47
N GLY B 44 -11.95 0.03 -20.24
CA GLY B 44 -12.03 1.05 -21.28
C GLY B 44 -11.48 2.42 -20.97
N SER B 45 -10.32 2.49 -20.29
CA SER B 45 -9.77 3.80 -19.96
C SER B 45 -9.57 4.65 -21.19
N LEU B 46 -9.14 4.03 -22.31
CA LEU B 46 -8.90 4.79 -23.52
C LEU B 46 -10.21 5.43 -24.05
N ASP B 47 -11.29 4.64 -24.08
CA ASP B 47 -12.59 5.16 -24.50
C ASP B 47 -13.10 6.24 -23.57
N VAL B 48 -12.92 6.04 -22.26
CA VAL B 48 -13.36 7.07 -21.31
C VAL B 48 -12.66 8.39 -21.57
N LEU B 49 -11.31 8.38 -21.68
CA LEU B 49 -10.64 9.65 -21.92
C LEU B 49 -11.02 10.27 -23.26
N ARG B 50 -11.11 9.46 -24.33
CA ARG B 50 -11.54 10.06 -25.60
C ARG B 50 -12.89 10.76 -25.45
N TYR B 51 -13.86 10.06 -24.87
CA TYR B 51 -15.22 10.62 -24.77
C TYR B 51 -15.22 11.87 -23.89
N VAL B 52 -14.62 11.79 -22.71
CA VAL B 52 -14.70 12.93 -21.78
C VAL B 52 -14.00 14.15 -22.37
N LYS B 53 -12.83 13.95 -23.02
CA LYS B 53 -12.20 15.08 -23.68
C LYS B 53 -13.09 15.67 -24.76
N SER B 54 -13.80 14.82 -25.52
CA SER B 54 -14.65 15.34 -26.59
C SER B 54 -15.81 16.18 -26.05
N LEU B 55 -16.15 16.04 -24.76
CA LEU B 55 -17.26 16.83 -24.20
C LEU B 55 -16.91 18.31 -24.01
N GLY B 56 -15.62 18.68 -23.96
CA GLY B 56 -15.29 20.10 -23.86
C GLY B 56 -15.91 20.73 -22.62
N ASP B 57 -16.55 21.89 -22.79
CA ASP B 57 -17.14 22.65 -21.69
C ASP B 57 -18.31 21.95 -21.03
N SER B 58 -18.81 20.85 -21.60
CA SER B 58 -19.94 20.16 -20.99
C SER B 58 -19.51 19.21 -19.89
N VAL B 59 -18.19 19.12 -19.60
CA VAL B 59 -17.77 18.28 -18.49
C VAL B 59 -16.88 19.14 -17.59
N ARG B 60 -17.01 18.92 -16.29
CA ARG B 60 -16.17 19.54 -15.24
C ARG B 60 -15.55 18.38 -14.47
N LEU B 61 -14.27 18.13 -14.71
CA LEU B 61 -13.52 17.01 -14.18
C LEU B 61 -12.64 17.48 -13.01
N VAL B 62 -12.40 16.60 -12.03
CA VAL B 62 -11.24 16.77 -11.13
C VAL B 62 -10.37 15.53 -11.27
N LEU B 63 -9.05 15.70 -11.15
CA LEU B 63 -8.16 14.54 -11.21
C LEU B 63 -8.14 13.76 -9.90
N GLY B 64 -8.11 12.42 -10.01
CA GLY B 64 -7.97 11.48 -8.91
C GLY B 64 -6.57 10.87 -8.86
N ASN B 65 -6.36 10.02 -7.85
CA ASN B 65 -5.03 9.47 -7.66
C ASN B 65 -4.66 8.50 -8.77
N HIS B 66 -5.63 7.81 -9.39
CA HIS B 66 -5.26 6.95 -10.51
C HIS B 66 -5.01 7.74 -11.79
N ASP B 67 -5.65 8.89 -11.95
CA ASP B 67 -5.32 9.76 -13.07
C ASP B 67 -3.89 10.27 -12.95
N LEU B 68 -3.50 10.68 -11.74
CA LEU B 68 -2.11 11.10 -11.55
C LEU B 68 -1.13 9.93 -11.75
N HIS B 69 -1.47 8.74 -11.28
CA HIS B 69 -0.61 7.59 -11.52
C HIS B 69 -0.44 7.32 -13.01
N LEU B 70 -1.54 7.37 -13.76
CA LEU B 70 -1.44 7.21 -15.21
C LEU B 70 -0.47 8.22 -15.79
N LEU B 71 -0.58 9.49 -15.36
CA LEU B 71 0.32 10.53 -15.87
C LEU B 71 1.76 10.20 -15.53
N ALA B 72 2.00 9.69 -14.30
CA ALA B 72 3.37 9.32 -13.91
C ALA B 72 3.92 8.20 -14.79
N VAL B 73 3.07 7.22 -15.12
CA VAL B 73 3.51 6.14 -16.02
C VAL B 73 3.81 6.69 -17.40
N PHE B 74 2.93 7.54 -17.91
CA PHE B 74 3.12 8.18 -19.21
C PHE B 74 4.45 8.90 -19.27
N ALA B 75 4.79 9.61 -18.22
CA ALA B 75 6.01 10.41 -18.16
C ALA B 75 7.27 9.59 -17.86
N GLY B 76 7.16 8.28 -17.68
CA GLY B 76 8.31 7.45 -17.37
C GLY B 76 8.79 7.53 -15.94
N ILE B 77 7.99 8.14 -15.05
CA ILE B 77 8.29 8.24 -13.63
C ILE B 77 7.98 6.94 -12.92
N SER B 78 6.86 6.28 -13.29
CA SER B 78 6.38 5.09 -12.62
C SER B 78 6.20 4.02 -13.69
N ARG B 79 6.30 2.78 -13.27
CA ARG B 79 6.27 1.66 -14.21
C ARG B 79 4.82 1.19 -14.39
N ASN B 80 4.49 0.82 -15.62
CA ASN B 80 3.13 0.37 -15.92
C ASN B 80 2.87 -1.01 -15.33
N LYS B 81 1.80 -1.15 -14.55
CA LYS B 81 1.36 -2.45 -14.04
C LYS B 81 0.32 -3.01 -15.01
N PRO B 82 0.53 -4.19 -15.62
CA PRO B 82 -0.40 -4.66 -16.66
C PRO B 82 -1.85 -4.77 -16.19
N LYS B 83 -2.02 -5.23 -14.95
CA LYS B 83 -3.35 -5.41 -14.38
C LYS B 83 -4.15 -4.11 -14.33
N ASP B 84 -3.51 -2.96 -14.39
CA ASP B 84 -4.24 -1.68 -14.35
C ASP B 84 -5.03 -1.47 -15.63
N ARG B 85 -4.67 -2.20 -16.68
CA ARG B 85 -5.32 -2.14 -18.00
C ARG B 85 -5.16 -0.76 -18.62
N LEU B 86 -3.99 -0.14 -18.40
CA LEU B 86 -3.71 1.14 -19.02
C LEU B 86 -2.94 1.00 -20.32
N THR B 87 -2.48 -0.20 -20.67
CA THR B 87 -1.59 -0.29 -21.82
C THR B 87 -2.25 0.17 -23.12
N PRO B 88 -3.51 -0.15 -23.42
CA PRO B 88 -4.09 0.34 -24.68
C PRO B 88 -4.06 1.85 -24.79
N LEU B 89 -4.36 2.54 -23.69
CA LEU B 89 -4.32 3.98 -23.66
C LEU B 89 -2.89 4.45 -23.86
N LEU B 90 -1.96 3.87 -23.10
CA LEU B 90 -0.58 4.33 -23.21
C LEU B 90 -0.03 4.13 -24.63
N GLU B 91 -0.47 3.11 -25.32
CA GLU B 91 0.06 2.78 -26.66
C GLU B 91 -0.75 3.40 -27.80
N ALA B 92 -1.82 4.15 -27.50
CA ALA B 92 -2.67 4.68 -28.54
C ALA B 92 -1.96 5.76 -29.33
N PRO B 93 -2.28 5.91 -30.62
CA PRO B 93 -1.66 7.00 -31.39
C PRO B 93 -2.03 8.38 -30.88
N ASP B 94 -3.16 8.53 -30.16
CA ASP B 94 -3.54 9.82 -29.60
C ASP B 94 -3.20 9.92 -28.11
N ALA B 95 -2.31 9.06 -27.60
CA ALA B 95 -1.96 9.10 -26.18
C ALA B 95 -1.47 10.47 -25.78
N ASP B 96 -0.53 11.05 -26.55
CA ASP B 96 0.02 12.36 -26.20
C ASP B 96 -1.09 13.40 -26.09
N GLU B 97 -1.97 13.44 -27.09
CA GLU B 97 -3.07 14.40 -27.05
C GLU B 97 -3.97 14.19 -25.83
N LEU B 98 -4.31 12.94 -25.54
CA LEU B 98 -5.23 12.67 -24.44
C LEU B 98 -4.60 13.00 -23.09
N LEU B 99 -3.33 12.65 -22.91
CA LEU B 99 -2.69 12.81 -21.60
C LEU B 99 -2.17 14.22 -21.38
N ASN B 100 -1.80 14.93 -22.45
CA ASN B 100 -1.51 16.35 -22.29
C ASN B 100 -2.78 17.13 -21.98
N TRP B 101 -3.95 16.68 -22.49
CA TRP B 101 -5.20 17.26 -22.04
C TRP B 101 -5.48 16.91 -20.56
N LEU B 102 -5.26 15.66 -20.19
CA LEU B 102 -5.61 15.22 -18.83
C LEU B 102 -4.84 16.00 -17.79
N ARG B 103 -3.53 16.23 -18.03
CA ARG B 103 -2.74 16.91 -16.98
C ARG B 103 -3.10 18.39 -16.82
N ARG B 104 -3.86 18.98 -17.74
CA ARG B 104 -4.33 20.35 -17.64
C ARG B 104 -5.66 20.45 -16.91
N GLN B 105 -6.21 19.34 -16.42
CA GLN B 105 -7.52 19.45 -15.80
C GLN B 105 -7.40 19.78 -14.32
N PRO B 106 -8.46 20.30 -13.72
CA PRO B 106 -8.35 20.80 -12.34
C PRO B 106 -8.25 19.70 -11.29
N LEU B 107 -7.80 20.09 -10.10
CA LEU B 107 -7.96 19.26 -8.90
C LEU B 107 -9.22 19.63 -8.10
N LEU B 108 -9.85 20.76 -8.42
CA LEU B 108 -10.95 21.28 -7.60
C LEU B 108 -11.92 22.02 -8.52
N GLN B 109 -13.21 21.74 -8.39
CA GLN B 109 -14.24 22.49 -9.10
C GLN B 109 -15.11 23.20 -8.09
N ILE B 110 -15.43 24.47 -8.34
CA ILE B 110 -16.31 25.26 -7.47
C ILE B 110 -17.37 25.91 -8.36
N ASP B 111 -18.64 25.76 -7.97
CA ASP B 111 -19.77 26.45 -8.62
C ASP B 111 -20.47 27.27 -7.53
N GLU B 112 -20.28 28.59 -7.59
CA GLU B 112 -20.82 29.48 -6.56
C GLU B 112 -22.32 29.55 -6.64
N GLU B 113 -22.89 29.43 -7.86
CA GLU B 113 -24.35 29.51 -8.00
C GLU B 113 -25.02 28.28 -7.43
N LYS B 114 -24.35 27.13 -7.49
CA LYS B 114 -24.91 25.94 -6.88
C LYS B 114 -24.42 25.75 -5.47
N LYS B 115 -23.47 26.59 -5.00
CA LYS B 115 -22.80 26.40 -3.71
C LYS B 115 -22.29 24.97 -3.60
N LEU B 116 -21.50 24.57 -4.60
CA LEU B 116 -21.07 23.20 -4.78
C LEU B 116 -19.57 23.18 -5.04
N VAL B 117 -18.87 22.34 -4.29
CA VAL B 117 -17.43 22.10 -4.45
C VAL B 117 -17.24 20.63 -4.73
N MET B 118 -16.29 20.31 -5.63
CA MET B 118 -15.95 18.92 -5.92
C MET B 118 -14.42 18.75 -5.92
N ALA B 119 -13.93 17.68 -5.27
CA ALA B 119 -12.56 17.22 -5.41
C ALA B 119 -12.57 15.70 -5.30
N HIS B 120 -11.49 15.06 -5.73
CA HIS B 120 -11.56 13.60 -5.81
C HIS B 120 -11.82 12.99 -4.43
N ALA B 121 -11.00 13.36 -3.42
CA ALA B 121 -11.11 12.74 -2.10
C ALA B 121 -11.95 13.57 -1.15
N GLY B 122 -12.22 14.84 -1.48
CA GLY B 122 -13.00 15.68 -0.59
C GLY B 122 -12.19 16.92 -0.21
N ILE B 123 -12.54 17.61 0.88
CA ILE B 123 -11.85 18.82 1.33
C ILE B 123 -11.38 18.57 2.76
N THR B 124 -10.06 18.59 2.97
CA THR B 124 -9.61 18.36 4.34
C THR B 124 -10.19 19.43 5.25
N PRO B 125 -10.62 19.07 6.46
CA PRO B 125 -11.14 20.08 7.41
C PRO B 125 -10.07 21.07 7.83
N GLN B 126 -8.79 20.83 7.48
CA GLN B 126 -7.77 21.83 7.81
C GLN B 126 -7.73 22.97 6.82
N TRP B 127 -8.53 22.95 5.75
CA TRP B 127 -8.53 23.99 4.75
C TRP B 127 -9.82 24.79 4.77
N ASP B 128 -9.71 26.10 4.63
CA ASP B 128 -10.85 26.91 4.22
C ASP B 128 -10.85 27.00 2.69
N LEU B 129 -11.87 27.64 2.12
CA LEU B 129 -12.02 27.60 0.67
C LEU B 129 -10.87 28.33 -0.02
N GLN B 130 -10.48 29.49 0.50
CA GLN B 130 -9.40 30.22 -0.14
C GLN B 130 -8.11 29.40 -0.19
N THR B 131 -7.82 28.68 0.90
CA THR B 131 -6.63 27.86 0.90
C THR B 131 -6.76 26.68 -0.09
N ALA B 132 -7.92 26.02 -0.11
CA ALA B 132 -8.09 24.93 -1.07
C ALA B 132 -7.90 25.45 -2.49
N LYS B 133 -8.42 26.64 -2.80
CA LYS B 133 -8.28 27.19 -4.15
C LYS B 133 -6.83 27.46 -4.48
N GLU B 134 -6.11 28.08 -3.56
CA GLU B 134 -4.70 28.38 -3.82
C GLU B 134 -3.88 27.11 -3.99
N CYS B 135 -4.15 26.12 -3.16
CA CYS B 135 -3.43 24.86 -3.26
C CYS B 135 -3.72 24.15 -4.58
N ALA B 136 -5.01 24.11 -4.99
CA ALA B 136 -5.33 23.52 -6.29
C ALA B 136 -4.61 24.27 -7.41
N ARG B 137 -4.64 25.59 -7.38
CA ARG B 137 -3.97 26.34 -8.44
C ARG B 137 -2.49 26.00 -8.48
N ASP B 138 -1.85 25.86 -7.32
CA ASP B 138 -0.40 25.62 -7.33
C ASP B 138 -0.06 24.27 -7.95
N VAL B 139 -0.84 23.23 -7.62
CA VAL B 139 -0.48 21.94 -8.18
C VAL B 139 -0.89 21.87 -9.65
N GLU B 140 -2.04 22.45 -10.00
CA GLU B 140 -2.44 22.50 -11.40
C GLU B 140 -1.36 23.19 -12.21
N ALA B 141 -0.72 24.22 -11.63
CA ALA B 141 0.30 24.92 -12.39
C ALA B 141 1.48 24.02 -12.68
N VAL B 142 1.91 23.19 -11.71
CA VAL B 142 3.04 22.29 -12.02
C VAL B 142 2.62 21.19 -13.00
N LEU B 143 1.39 20.69 -12.87
CA LEU B 143 0.95 19.59 -13.75
C LEU B 143 0.82 20.04 -15.20
N SER B 144 0.45 21.31 -15.40
CA SER B 144 0.31 21.79 -16.76
C SER B 144 1.61 22.40 -17.32
N SER B 145 2.67 22.42 -16.52
CA SER B 145 3.94 22.99 -16.97
C SER B 145 4.76 21.98 -17.76
N ASP B 146 5.79 22.48 -18.50
CA ASP B 146 6.67 21.58 -19.23
C ASP B 146 7.45 20.63 -18.32
N SER B 147 7.60 20.95 -17.06
CA SER B 147 8.40 20.13 -16.14
C SER B 147 7.53 19.20 -15.32
N TYR B 148 6.33 18.88 -15.78
CA TYR B 148 5.46 18.08 -14.93
C TYR B 148 6.06 16.72 -14.54
N PRO B 149 6.93 16.07 -15.31
CA PRO B 149 7.45 14.78 -14.81
C PRO B 149 8.21 14.93 -13.49
N PHE B 150 8.92 16.04 -13.29
CA PHE B 150 9.57 16.22 -12.00
C PHE B 150 8.55 16.35 -10.89
N PHE B 151 7.45 17.06 -11.13
CA PHE B 151 6.44 17.15 -10.08
C PHE B 151 5.87 15.79 -9.80
N LEU B 152 5.54 15.03 -10.86
CA LEU B 152 4.95 13.72 -10.66
C LEU B 152 5.87 12.85 -9.82
N ASP B 153 7.19 12.94 -10.04
CA ASP B 153 8.07 12.13 -9.22
C ASP B 153 8.09 12.65 -7.77
N ALA B 154 8.04 13.98 -7.62
CA ALA B 154 8.12 14.64 -6.33
C ALA B 154 6.84 14.46 -5.51
N MET B 155 5.70 14.24 -6.19
CA MET B 155 4.41 14.14 -5.50
C MET B 155 4.33 12.92 -4.61
N TYR B 156 5.12 11.88 -4.87
CA TYR B 156 5.02 10.65 -4.08
C TYR B 156 5.56 10.89 -2.67
N GLY B 157 4.84 10.39 -1.69
CA GLY B 157 5.22 10.54 -0.30
C GLY B 157 3.99 10.52 0.57
N ASP B 158 4.17 10.12 1.83
CA ASP B 158 3.10 10.06 2.80
C ASP B 158 3.18 11.15 3.86
N MET B 159 4.22 11.99 3.84
CA MET B 159 4.39 13.06 4.82
C MET B 159 4.72 14.35 4.10
N PRO B 160 4.41 15.50 4.68
CA PRO B 160 3.75 15.74 5.98
C PRO B 160 2.28 15.48 5.86
N ASN B 161 1.64 15.24 7.00
CA ASN B 161 0.20 14.96 7.01
C ASN B 161 -0.60 15.99 7.76
N ASN B 162 0.02 17.13 8.10
CA ASN B 162 -0.62 18.22 8.80
C ASN B 162 -0.44 19.49 7.99
N TRP B 163 -1.53 20.19 7.67
CA TRP B 163 -1.40 21.42 6.92
C TRP B 163 -0.86 22.54 7.80
N SER B 164 0.01 23.37 7.22
CA SER B 164 0.38 24.68 7.77
C SER B 164 0.64 25.62 6.61
N PRO B 165 0.18 26.88 6.68
CA PRO B 165 0.59 27.84 5.65
C PRO B 165 2.11 27.99 5.58
N GLU B 166 2.85 27.53 6.57
CA GLU B 166 4.30 27.62 6.55
C GLU B 166 4.97 26.51 5.76
N LEU B 167 4.24 25.47 5.37
CA LEU B 167 4.86 24.42 4.57
C LEU B 167 5.44 25.04 3.30
N ARG B 168 6.59 24.50 2.87
CA ARG B 168 7.27 24.97 1.69
C ARG B 168 7.72 23.77 0.86
N GLY B 169 8.00 24.03 -0.42
CA GLY B 169 8.72 22.97 -1.14
C GLY B 169 7.98 21.66 -1.30
N LEU B 170 8.77 20.57 -1.30
CA LEU B 170 8.23 19.24 -1.60
C LEU B 170 7.16 18.83 -0.62
N GLY B 171 7.37 19.10 0.67
CA GLY B 171 6.35 18.71 1.63
C GLY B 171 5.02 19.41 1.38
N ARG B 172 5.06 20.69 0.98
CA ARG B 172 3.82 21.41 0.67
C ARG B 172 3.10 20.74 -0.49
N LEU B 173 3.85 20.44 -1.55
CA LEU B 173 3.28 19.82 -2.73
C LEU B 173 2.70 18.44 -2.44
N ARG B 174 3.44 17.65 -1.67
CA ARG B 174 2.97 16.30 -1.31
C ARG B 174 1.70 16.36 -0.46
N PHE B 175 1.68 17.22 0.57
CA PHE B 175 0.45 17.33 1.37
C PHE B 175 -0.73 17.69 0.48
N ILE B 176 -0.58 18.72 -0.37
CA ILE B 176 -1.71 19.12 -1.22
C ILE B 176 -2.20 17.95 -2.06
N THR B 177 -1.28 17.23 -2.70
CA THR B 177 -1.68 16.12 -3.55
C THR B 177 -2.41 15.07 -2.73
N ASN B 178 -1.91 14.76 -1.54
CA ASN B 178 -2.52 13.74 -0.71
C ASN B 178 -3.90 14.16 -0.24
N ALA B 179 -4.04 15.43 0.15
CA ALA B 179 -5.34 15.92 0.61
C ALA B 179 -6.38 15.86 -0.51
N PHE B 180 -6.00 16.26 -1.72
CA PHE B 180 -7.04 16.24 -2.77
C PHE B 180 -7.33 14.85 -3.30
N THR B 181 -6.33 13.94 -3.35
CA THR B 181 -6.52 12.72 -4.13
C THR B 181 -6.39 11.43 -3.34
N ARG B 182 -5.97 11.44 -2.06
CA ARG B 182 -5.78 10.19 -1.35
C ARG B 182 -6.51 10.15 0.00
N MET B 183 -6.89 11.30 0.53
CA MET B 183 -7.51 11.42 1.85
C MET B 183 -8.70 10.49 2.06
N ARG B 184 -8.71 9.81 3.21
CA ARG B 184 -9.94 9.21 3.74
C ARG B 184 -10.07 9.54 5.22
N PHE B 185 -9.23 8.93 6.05
CA PHE B 185 -9.33 9.11 7.50
C PHE B 185 -8.45 10.24 7.99
N CYS B 186 -8.92 10.87 9.06
CA CYS B 186 -8.18 11.89 9.77
C CYS B 186 -8.04 11.49 11.23
N PHE B 187 -6.95 11.96 11.84
CA PHE B 187 -6.87 11.97 13.30
C PHE B 187 -7.78 13.07 13.82
N PRO B 188 -8.11 13.04 15.13
CA PRO B 188 -9.06 14.04 15.66
C PRO B 188 -8.66 15.49 15.38
N ASN B 189 -7.37 15.79 15.32
CA ASN B 189 -6.88 17.14 15.05
C ASN B 189 -6.84 17.47 13.55
N GLY B 190 -7.35 16.58 12.71
CA GLY B 190 -7.40 16.83 11.28
C GLY B 190 -6.23 16.27 10.50
N GLN B 191 -5.16 15.79 11.14
CA GLN B 191 -4.04 15.22 10.37
C GLN B 191 -4.49 14.06 9.47
N LEU B 192 -3.91 13.94 8.28
CA LEU B 192 -4.26 12.84 7.39
C LEU B 192 -3.65 11.52 7.84
N ASP B 193 -4.42 10.45 7.72
CA ASP B 193 -3.88 9.09 7.75
C ASP B 193 -3.79 8.56 6.32
N MET B 194 -2.61 8.08 5.92
CA MET B 194 -2.43 7.66 4.53
C MET B 194 -2.47 6.15 4.34
N TYR B 195 -2.97 5.39 5.31
CA TYR B 195 -2.87 3.94 5.25
C TYR B 195 -4.21 3.22 5.29
N SER B 196 -5.16 3.65 6.10
CA SER B 196 -6.41 2.87 6.22
C SER B 196 -7.37 3.21 5.08
N LYS B 197 -7.92 2.18 4.44
CA LYS B 197 -8.82 2.39 3.31
C LYS B 197 -10.16 1.69 3.50
N GLU B 198 -10.40 1.16 4.71
CA GLU B 198 -11.61 0.39 4.96
C GLU B 198 -12.76 1.33 5.31
N SER B 199 -13.93 0.74 5.59
CA SER B 199 -15.06 1.55 5.97
C SER B 199 -14.88 2.18 7.36
N PRO B 200 -15.60 3.26 7.64
CA PRO B 200 -15.46 3.91 8.96
C PRO B 200 -15.69 2.98 10.15
N GLU B 201 -16.63 2.04 10.04
CA GLU B 201 -16.96 1.16 11.15
C GLU B 201 -15.81 0.23 11.47
N GLU B 202 -14.96 -0.08 10.51
CA GLU B 202 -13.89 -1.04 10.69
C GLU B 202 -12.55 -0.38 10.97
N ALA B 203 -12.50 0.93 11.01
CA ALA B 203 -11.21 1.57 11.07
C ALA B 203 -10.69 1.56 12.49
N PRO B 204 -9.38 1.58 12.69
CA PRO B 204 -8.83 1.57 14.05
C PRO B 204 -8.93 2.94 14.70
N ALA B 205 -9.14 2.93 16.02
CA ALA B 205 -9.16 4.21 16.73
C ALA B 205 -7.78 4.84 16.68
N PRO B 206 -7.68 6.17 16.71
CA PRO B 206 -8.73 7.18 16.79
C PRO B 206 -9.20 7.72 15.45
N LEU B 207 -9.05 6.97 14.37
CA LEU B 207 -9.35 7.50 13.04
C LEU B 207 -10.83 7.72 12.84
N LYS B 208 -11.16 8.82 12.18
CA LYS B 208 -12.53 9.13 11.77
C LYS B 208 -12.51 9.68 10.33
N PRO B 209 -13.63 9.56 9.62
CA PRO B 209 -13.68 10.16 8.27
C PRO B 209 -13.41 11.65 8.30
N TRP B 210 -12.76 12.13 7.23
CA TRP B 210 -12.50 13.56 7.11
C TRP B 210 -13.77 14.36 7.25
N PHE B 211 -14.89 13.85 6.73
CA PHE B 211 -16.10 14.65 6.75
C PHE B 211 -16.79 14.63 8.12
N ALA B 212 -16.30 13.82 9.07
CA ALA B 212 -16.85 13.79 10.42
C ALA B 212 -16.24 14.85 11.31
N ILE B 213 -15.25 15.59 10.81
CA ILE B 213 -14.60 16.66 11.53
C ILE B 213 -15.10 17.97 10.94
N PRO B 214 -15.81 18.81 11.69
CA PRO B 214 -16.36 20.02 11.07
C PRO B 214 -15.27 20.91 10.49
N GLY B 215 -15.49 21.36 9.25
CA GLY B 215 -14.55 22.20 8.56
C GLY B 215 -15.24 23.37 7.91
N PRO B 216 -14.50 24.45 7.66
CA PRO B 216 -15.15 25.69 7.20
C PRO B 216 -15.80 25.59 5.83
N VAL B 217 -15.28 24.75 4.92
CA VAL B 217 -15.89 24.71 3.58
C VAL B 217 -17.30 24.16 3.66
N ALA B 218 -17.52 23.11 4.44
CA ALA B 218 -18.86 22.50 4.59
C ALA B 218 -19.89 23.44 5.21
N GLU B 219 -19.46 24.52 5.88
CA GLU B 219 -20.46 25.43 6.45
C GLU B 219 -21.17 26.22 5.37
N GLU B 220 -20.51 26.44 4.22
CA GLU B 220 -21.13 27.24 3.18
C GLU B 220 -21.43 26.46 1.91
N TYR B 221 -20.78 25.32 1.70
CA TYR B 221 -20.88 24.60 0.42
C TYR B 221 -21.24 23.15 0.63
N SER B 222 -21.97 22.58 -0.32
CA SER B 222 -22.02 21.14 -0.44
C SER B 222 -20.69 20.66 -1.02
N ILE B 223 -20.29 19.46 -0.63
CA ILE B 223 -19.07 18.84 -1.14
C ILE B 223 -19.42 17.51 -1.79
N ALA B 224 -19.05 17.33 -3.06
CA ALA B 224 -19.18 16.06 -3.76
C ALA B 224 -17.78 15.50 -4.01
N PHE B 225 -17.64 14.18 -3.81
CA PHE B 225 -16.32 13.56 -3.96
C PHE B 225 -16.54 12.11 -4.37
N GLY B 226 -15.45 11.47 -4.81
CA GLY B 226 -15.48 10.04 -5.15
C GLY B 226 -14.55 9.29 -4.25
N HIS B 227 -13.60 8.53 -4.84
CA HIS B 227 -12.42 7.98 -4.19
C HIS B 227 -12.64 6.86 -3.18
N TRP B 228 -13.51 7.09 -2.18
CA TRP B 228 -13.53 6.22 -1.01
C TRP B 228 -14.57 5.10 -1.21
N ALA B 229 -14.18 4.10 -1.98
CA ALA B 229 -15.17 3.09 -2.40
C ALA B 229 -15.70 2.27 -1.20
N SER B 230 -14.89 2.05 -0.15
CA SER B 230 -15.37 1.22 0.95
C SER B 230 -16.46 1.92 1.77
N LEU B 231 -16.65 3.22 1.55
CA LEU B 231 -17.78 3.94 2.12
C LEU B 231 -19.09 3.51 1.47
N GLU B 232 -19.02 3.00 0.24
CA GLU B 232 -20.20 2.53 -0.52
C GLU B 232 -21.25 3.65 -0.70
N GLY B 233 -20.79 4.91 -0.74
CA GLY B 233 -21.68 6.03 -0.94
C GLY B 233 -22.56 6.36 0.25
N LYS B 234 -22.28 5.77 1.41
CA LYS B 234 -23.16 5.83 2.59
C LYS B 234 -22.46 6.48 3.76
N GLY B 235 -23.27 6.90 4.74
CA GLY B 235 -22.75 7.32 6.02
C GLY B 235 -22.24 8.74 6.08
N THR B 236 -22.66 9.60 5.15
CA THR B 236 -22.14 10.96 5.16
C THR B 236 -23.16 11.91 5.75
N PRO B 237 -22.71 13.03 6.30
CA PRO B 237 -23.65 14.04 6.84
C PRO B 237 -24.37 14.80 5.73
N GLU B 238 -25.41 15.54 6.12
CA GLU B 238 -26.09 16.38 5.14
C GLU B 238 -25.09 17.30 4.44
N GLY B 239 -25.24 17.43 3.11
CA GLY B 239 -24.38 18.32 2.35
C GLY B 239 -23.10 17.67 1.86
N ILE B 240 -22.85 16.41 2.21
CA ILE B 240 -21.65 15.67 1.76
C ILE B 240 -22.12 14.52 0.91
N TYR B 241 -21.63 14.44 -0.33
CA TYR B 241 -22.10 13.46 -1.28
C TYR B 241 -20.93 12.58 -1.70
N ALA B 242 -20.95 11.33 -1.24
CA ALA B 242 -19.93 10.34 -1.59
C ALA B 242 -20.47 9.57 -2.78
N LEU B 243 -19.94 9.88 -3.96
CA LEU B 243 -20.49 9.31 -5.21
C LEU B 243 -19.80 8.04 -5.69
N ASP B 244 -18.69 7.60 -5.08
CA ASP B 244 -17.99 6.40 -5.57
C ASP B 244 -18.62 5.14 -4.96
N THR B 245 -19.45 4.46 -5.75
CA THR B 245 -20.07 3.22 -5.30
C THR B 245 -19.41 1.99 -5.92
N GLY B 246 -18.17 2.11 -6.38
CA GLY B 246 -17.35 0.94 -6.64
C GLY B 246 -17.63 0.21 -7.94
N CYS B 247 -17.93 0.94 -9.01
CA CYS B 247 -18.32 0.26 -10.25
C CYS B 247 -17.26 -0.75 -10.71
N CYS B 248 -15.99 -0.34 -10.72
CA CYS B 248 -14.95 -1.24 -11.20
C CYS B 248 -14.79 -2.47 -10.32
N TRP B 249 -15.28 -2.41 -9.09
CA TRP B 249 -15.16 -3.50 -8.10
C TRP B 249 -16.35 -4.45 -8.17
N GLY B 250 -17.26 -4.27 -9.12
CA GLY B 250 -18.48 -5.05 -9.12
C GLY B 250 -19.62 -4.41 -8.37
N GLY B 251 -19.48 -3.14 -7.96
CA GLY B 251 -20.55 -2.39 -7.32
C GLY B 251 -21.41 -1.73 -8.39
N THR B 252 -21.57 -0.42 -8.30
CA THR B 252 -22.44 0.30 -9.22
C THR B 252 -21.78 1.62 -9.57
N LEU B 253 -22.21 2.17 -10.71
CA LEU B 253 -21.88 3.56 -11.07
C LEU B 253 -23.05 4.47 -10.67
N THR B 254 -22.76 5.53 -9.91
CA THR B 254 -23.84 6.36 -9.39
C THR B 254 -23.80 7.73 -10.08
N CYS B 255 -24.98 8.23 -10.44
CA CYS B 255 -25.15 9.56 -10.99
C CYS B 255 -26.15 10.33 -10.12
N LEU B 256 -25.82 11.55 -9.72
CA LEU B 256 -26.71 12.41 -8.97
C LEU B 256 -27.10 13.60 -9.84
N ARG B 257 -28.41 13.83 -10.02
CA ARG B 257 -28.85 15.03 -10.71
C ARG B 257 -29.03 16.14 -9.66
N TRP B 258 -28.35 17.26 -9.88
CA TRP B 258 -28.24 18.28 -8.83
C TRP B 258 -29.56 19.05 -8.63
N GLU B 259 -30.33 19.24 -9.69
CA GLU B 259 -31.50 20.11 -9.56
C GLU B 259 -32.51 19.55 -8.56
N ASP B 260 -32.73 18.23 -8.60
CA ASP B 260 -33.70 17.60 -7.71
C ASP B 260 -33.07 16.58 -6.78
N LYS B 261 -31.74 16.48 -6.74
CA LYS B 261 -31.05 15.48 -5.92
C LYS B 261 -31.57 14.09 -6.19
N GLN B 262 -31.81 13.77 -7.45
CA GLN B 262 -32.30 12.44 -7.81
C GLN B 262 -31.12 11.56 -8.19
N TYR B 263 -31.05 10.35 -7.63
CA TYR B 263 -29.98 9.40 -7.93
C TYR B 263 -30.40 8.41 -9.01
N PHE B 264 -29.46 8.08 -9.88
CA PHE B 264 -29.59 7.06 -10.92
C PHE B 264 -28.40 6.11 -10.81
N VAL B 265 -28.63 4.81 -10.97
CA VAL B 265 -27.57 3.84 -10.73
C VAL B 265 -27.46 2.90 -11.93
N GLN B 266 -26.23 2.57 -12.30
CA GLN B 266 -25.96 1.62 -13.37
C GLN B 266 -25.20 0.45 -12.77
N PRO B 267 -25.74 -0.77 -12.79
CA PRO B 267 -24.99 -1.89 -12.21
C PRO B 267 -23.72 -2.15 -13.00
N SER B 268 -22.68 -2.59 -12.27
CA SER B 268 -21.46 -2.98 -12.93
C SER B 268 -21.70 -4.18 -13.87
N ASN B 269 -21.00 -4.19 -15.00
CA ASN B 269 -21.06 -5.36 -15.88
C ASN B 269 -20.20 -6.51 -15.36
N ARG B 270 -19.12 -6.20 -14.64
CA ARG B 270 -18.19 -7.21 -14.13
C ARG B 270 -18.94 -8.23 -13.27
#